data_9G5Z
#
_entry.id   9G5Z
#
_cell.length_a   102.100
_cell.length_b   102.100
_cell.length_c   101.150
_cell.angle_alpha   90.000
_cell.angle_beta   90.000
_cell.angle_gamma   120.000
#
_symmetry.space_group_name_H-M   'P 31 2 1'
#
loop_
_entity.id
_entity.type
_entity.pdbx_description
1 polymer 'Endoribonuclease MazF'
2 polymer 'Nanobody 11'
3 non-polymer GLYCEROL
4 non-polymer 'CHLORIDE ION'
5 water water
#
loop_
_entity_poly.entity_id
_entity_poly.type
_entity_poly.pdbx_seq_one_letter_code
_entity_poly.pdbx_strand_id
1 'polypeptide(L)'
;MGSSHHHHHHSQDPIRRGDVYLADLSPVQGSEQGGVRPVVIIQNDTGNKYSPTVIVAAITGRINKAKIPTHVEIEKKKYK
LDKDSVILLEQIRTLDKKRLKEKLTYLSDDKMKEVDNALMISLGLNAVAHQKN
;
A,B
2 'polypeptide(L)'
;AQVQLQESGGGLVQPGGSLRLSCAASGFTFSSYDMSWVRQAPGKGLEWVSAINRGGGSTYYADSVKGRFTISRDNAKNTV
YLQMNSLKPEDTAVYYCATWWVDSYDYWGQGTQVTVSSHHHHHH
;
C,D
#
# COMPACT_ATOMS: atom_id res chain seq x y z
N ASP A 13 5.63 -21.81 -12.98
CA ASP A 13 6.89 -21.55 -12.30
C ASP A 13 7.00 -20.11 -11.76
N PRO A 14 6.78 -19.09 -12.60
CA PRO A 14 7.01 -17.72 -12.13
C PRO A 14 6.06 -17.38 -11.00
N ILE A 15 6.48 -16.44 -10.15
CA ILE A 15 5.66 -15.96 -9.05
C ILE A 15 5.05 -14.64 -9.48
N ARG A 16 3.73 -14.56 -9.43
CA ARG A 16 3.03 -13.36 -9.86
C ARG A 16 2.21 -12.79 -8.71
N ARG A 17 2.14 -11.45 -8.67
CA ARG A 17 1.30 -10.79 -7.68
C ARG A 17 -0.12 -11.34 -7.81
N GLY A 18 -0.72 -11.73 -6.70
CA GLY A 18 -2.05 -12.26 -6.71
C GLY A 18 -2.11 -13.77 -6.75
N ASP A 19 -0.98 -14.43 -6.92
CA ASP A 19 -0.92 -15.88 -6.77
C ASP A 19 -1.19 -16.26 -5.33
N VAL A 20 -1.77 -17.44 -5.14
CA VAL A 20 -1.93 -18.06 -3.82
C VAL A 20 -1.03 -19.29 -3.78
N TYR A 21 -0.10 -19.28 -2.83
CA TYR A 21 0.88 -20.33 -2.58
C TYR A 21 0.67 -20.91 -1.18
N LEU A 22 0.96 -22.19 -1.02
CA LEU A 22 1.10 -22.74 0.32
C LEU A 22 2.43 -22.29 0.92
N ALA A 23 2.40 -21.77 2.15
CA ALA A 23 3.62 -21.26 2.76
C ALA A 23 3.69 -21.58 4.25
N ASP A 24 4.92 -21.81 4.72
CA ASP A 24 5.21 -22.09 6.12
C ASP A 24 5.55 -20.77 6.83
N LEU A 25 4.63 -20.31 7.69
CA LEU A 25 4.80 -19.06 8.42
C LEU A 25 5.40 -19.25 9.81
N SER A 26 5.51 -20.48 10.28
CA SER A 26 6.03 -20.74 11.62
C SER A 26 7.53 -20.42 11.68
N PRO A 27 8.04 -20.06 12.87
CA PRO A 27 7.21 -19.87 14.06
C PRO A 27 6.72 -18.44 14.24
N VAL A 28 5.87 -18.24 15.23
CA VAL A 28 5.24 -16.96 15.49
C VAL A 28 5.07 -16.82 17.00
N GLN A 29 4.79 -15.60 17.45
CA GLN A 29 4.48 -15.34 18.85
C GLN A 29 3.09 -14.73 18.98
N GLY A 30 2.49 -14.92 20.15
CA GLY A 30 1.25 -14.22 20.47
C GLY A 30 0.15 -14.44 19.43
N SER A 31 -0.40 -13.33 18.95
CA SER A 31 -1.58 -13.34 18.10
C SER A 31 -1.24 -13.38 16.61
N GLU A 32 0.03 -13.46 16.26
CA GLU A 32 0.44 -13.59 14.86
C GLU A 32 -0.05 -14.92 14.27
N GLN A 33 -0.50 -14.86 13.03
CA GLN A 33 -0.92 -16.07 12.32
C GLN A 33 0.30 -16.92 11.99
N GLY A 34 0.10 -18.23 11.94
CA GLY A 34 1.21 -19.15 11.99
C GLY A 34 0.95 -20.45 11.27
N GLY A 35 1.86 -21.41 11.42
CA GLY A 35 1.72 -22.70 10.78
C GLY A 35 1.95 -22.59 9.28
N VAL A 36 1.59 -23.66 8.58
CA VAL A 36 1.71 -23.74 7.12
C VAL A 36 0.33 -23.59 6.53
N ARG A 37 0.09 -22.46 5.87
CA ARG A 37 -1.21 -22.05 5.41
C ARG A 37 -1.09 -21.32 4.08
N PRO A 38 -2.20 -21.23 3.32
CA PRO A 38 -2.17 -20.46 2.07
C PRO A 38 -1.92 -18.98 2.31
N VAL A 39 -1.13 -18.38 1.41
CA VAL A 39 -0.86 -16.94 1.44
C VAL A 39 -0.91 -16.40 0.02
N VAL A 40 -1.20 -15.10 -0.07
CA VAL A 40 -1.36 -14.37 -1.32
C VAL A 40 -0.12 -13.51 -1.55
N ILE A 41 0.44 -13.57 -2.75
CA ILE A 41 1.62 -12.76 -3.06
C ILE A 41 1.10 -11.35 -3.33
N ILE A 42 1.48 -10.40 -2.49
CA ILE A 42 1.17 -8.99 -2.69
C ILE A 42 2.35 -8.17 -3.16
N GLN A 43 3.54 -8.74 -3.26
CA GLN A 43 4.68 -7.98 -3.73
C GLN A 43 4.57 -7.73 -5.23
N ASN A 44 5.15 -6.63 -5.68
CA ASN A 44 5.16 -6.29 -7.09
C ASN A 44 5.91 -7.37 -7.87
N ASP A 45 5.62 -7.45 -9.17
CA ASP A 45 6.07 -8.60 -9.94
C ASP A 45 7.57 -8.54 -10.18
N THR A 46 8.16 -7.35 -10.18
CA THR A 46 9.62 -7.25 -10.30
C THR A 46 10.29 -7.96 -9.13
N GLY A 47 9.86 -7.65 -7.90
CA GLY A 47 10.35 -8.38 -6.75
C GLY A 47 10.09 -9.87 -6.91
N ASN A 48 8.90 -10.24 -7.39
CA ASN A 48 8.53 -11.64 -7.47
C ASN A 48 9.40 -12.38 -8.47
N LYS A 49 10.03 -11.66 -9.40
CA LYS A 49 10.94 -12.26 -10.37
C LYS A 49 12.36 -12.33 -9.81
N TYR A 50 12.94 -11.18 -9.45
CA TYR A 50 14.35 -11.12 -9.07
C TYR A 50 14.58 -11.13 -7.56
N SER A 51 13.54 -10.93 -6.73
CA SER A 51 14.00 -10.79 -5.36
C SER A 51 14.03 -12.14 -4.68
N PRO A 52 14.95 -12.35 -3.73
CA PRO A 52 14.89 -13.58 -2.93
C PRO A 52 13.72 -13.64 -1.97
N THR A 53 13.03 -12.54 -1.71
CA THR A 53 11.88 -12.56 -0.83
C THR A 53 10.63 -12.10 -1.57
N VAL A 54 9.48 -12.58 -1.10
CA VAL A 54 8.17 -12.10 -1.51
C VAL A 54 7.46 -11.55 -0.30
N ILE A 55 6.44 -10.72 -0.54
CA ILE A 55 5.57 -10.22 0.51
C ILE A 55 4.21 -10.86 0.30
N VAL A 56 3.63 -11.40 1.37
CA VAL A 56 2.41 -12.17 1.31
C VAL A 56 1.43 -11.71 2.39
N ALA A 57 0.16 -12.02 2.16
CA ALA A 57 -0.88 -11.87 3.17
C ALA A 57 -1.44 -13.24 3.50
N ALA A 58 -1.65 -13.52 4.77
CA ALA A 58 -2.09 -14.86 5.18
C ALA A 58 -3.56 -15.07 4.84
N ILE A 59 -3.89 -16.32 4.53
CA ILE A 59 -5.25 -16.81 4.39
C ILE A 59 -5.57 -17.73 5.56
N THR A 60 -6.76 -17.57 6.14
CA THR A 60 -7.20 -18.39 7.25
C THR A 60 -8.52 -19.07 6.90
N GLY A 61 -8.71 -20.27 7.41
CA GLY A 61 -9.97 -20.97 7.30
C GLY A 61 -10.79 -21.02 8.57
N ARG A 62 -10.37 -20.32 9.62
CA ARG A 62 -11.10 -20.36 10.89
C ARG A 62 -12.36 -19.51 10.87
N ILE A 63 -12.51 -18.64 9.88
CA ILE A 63 -13.74 -17.89 9.63
C ILE A 63 -13.98 -17.86 8.13
N ASN A 64 -15.23 -18.05 7.72
CA ASN A 64 -15.55 -17.87 6.31
C ASN A 64 -16.23 -16.54 6.00
N LYS A 65 -16.46 -15.71 7.02
CA LYS A 65 -17.05 -14.39 6.87
C LYS A 65 -16.30 -13.43 7.78
N ALA A 66 -16.14 -12.18 7.36
CA ALA A 66 -15.35 -11.30 8.21
C ALA A 66 -15.82 -9.86 8.10
N LYS A 67 -16.20 -9.29 9.24
CA LYS A 67 -16.63 -7.90 9.41
C LYS A 67 -15.48 -6.90 9.58
N ILE A 68 -14.51 -6.86 8.68
CA ILE A 68 -13.36 -5.98 8.87
C ILE A 68 -12.83 -5.56 7.51
N PRO A 69 -12.50 -4.28 7.31
CA PRO A 69 -12.04 -3.83 5.98
C PRO A 69 -10.70 -4.36 5.56
N THR A 70 -9.92 -4.96 6.46
CA THR A 70 -8.69 -5.63 6.08
C THR A 70 -8.90 -7.11 5.78
N HIS A 71 -10.14 -7.58 5.79
CA HIS A 71 -10.45 -8.96 5.46
C HIS A 71 -11.10 -9.07 4.08
N VAL A 72 -10.77 -10.13 3.34
CA VAL A 72 -11.35 -10.39 2.03
C VAL A 72 -11.79 -11.85 1.93
N GLU A 73 -13.07 -12.09 1.69
CA GLU A 73 -13.55 -13.46 1.59
C GLU A 73 -13.05 -14.10 0.30
N ILE A 74 -12.84 -15.42 0.34
CA ILE A 74 -12.59 -16.20 -0.88
C ILE A 74 -13.30 -17.54 -0.80
N GLU A 75 -14.08 -17.84 -1.85
CA GLU A 75 -14.85 -19.08 -1.92
C GLU A 75 -13.95 -20.28 -2.19
N LYS A 76 -14.37 -21.43 -1.65
CA LYS A 76 -13.57 -22.64 -1.79
C LYS A 76 -13.61 -23.21 -3.21
N LYS A 77 -14.78 -23.19 -3.84
CA LYS A 77 -14.95 -23.81 -5.15
C LYS A 77 -14.09 -23.18 -6.24
N LYS A 78 -14.27 -21.88 -6.47
CA LYS A 78 -13.49 -21.18 -7.50
C LYS A 78 -11.99 -21.38 -7.31
N TYR A 79 -11.50 -21.15 -6.09
CA TYR A 79 -10.08 -21.09 -5.80
C TYR A 79 -9.51 -22.40 -5.29
N LYS A 80 -10.30 -23.48 -5.31
CA LYS A 80 -9.79 -24.84 -5.05
C LYS A 80 -9.30 -24.99 -3.62
N LEU A 81 -10.02 -24.40 -2.66
CA LEU A 81 -9.62 -24.47 -1.27
C LEU A 81 -10.32 -25.64 -0.59
N ASP A 82 -9.97 -25.88 0.67
CA ASP A 82 -10.66 -26.93 1.42
C ASP A 82 -12.02 -26.44 1.88
N LYS A 83 -12.11 -25.15 2.22
CA LYS A 83 -13.36 -24.53 2.64
C LYS A 83 -13.23 -23.03 2.42
N ASP A 84 -14.38 -22.36 2.42
CA ASP A 84 -14.43 -20.90 2.30
C ASP A 84 -13.52 -20.25 3.34
N SER A 85 -12.70 -19.30 2.90
CA SER A 85 -11.66 -18.77 3.77
C SER A 85 -11.63 -17.25 3.67
N VAL A 86 -10.69 -16.63 4.39
CA VAL A 86 -10.55 -15.18 4.43
C VAL A 86 -9.07 -14.80 4.29
N ILE A 87 -8.81 -13.80 3.46
CA ILE A 87 -7.49 -13.20 3.33
C ILE A 87 -7.41 -12.09 4.37
N LEU A 88 -6.34 -12.12 5.16
CA LEU A 88 -6.12 -11.17 6.24
C LEU A 88 -5.06 -10.19 5.79
N LEU A 89 -5.46 -8.96 5.48
CA LEU A 89 -4.54 -7.95 5.02
C LEU A 89 -3.87 -7.20 6.16
N GLU A 90 -4.24 -7.50 7.40
CA GLU A 90 -3.49 -7.05 8.56
C GLU A 90 -2.42 -8.03 9.03
N GLN A 91 -2.39 -9.24 8.46
CA GLN A 91 -1.28 -10.17 8.69
C GLN A 91 -0.50 -10.34 7.40
N ILE A 92 0.60 -9.62 7.28
CA ILE A 92 1.45 -9.61 6.10
C ILE A 92 2.88 -9.77 6.59
N ARG A 93 3.67 -10.56 5.85
CA ARG A 93 5.07 -10.68 6.22
C ARG A 93 5.90 -11.05 4.98
N THR A 94 7.14 -10.57 4.98
CA THR A 94 8.08 -10.88 3.92
C THR A 94 8.71 -12.24 4.19
N LEU A 95 8.63 -13.13 3.20
CA LEU A 95 9.13 -14.49 3.30
C LEU A 95 10.17 -14.76 2.22
N ASP A 96 11.26 -15.41 2.60
CA ASP A 96 12.16 -15.98 1.61
C ASP A 96 11.40 -16.99 0.78
N LYS A 97 11.64 -16.98 -0.53
CA LYS A 97 10.92 -17.87 -1.42
C LYS A 97 11.12 -19.34 -1.06
N LYS A 98 12.18 -19.67 -0.30
CA LYS A 98 12.35 -21.06 0.12
C LYS A 98 11.22 -21.52 1.02
N ARG A 99 10.45 -20.60 1.61
CA ARG A 99 9.30 -20.99 2.43
C ARG A 99 8.08 -21.35 1.59
N LEU A 100 8.07 -20.99 0.30
CA LEU A 100 6.88 -21.21 -0.51
C LEU A 100 6.81 -22.67 -0.94
N LYS A 101 5.74 -23.34 -0.53
CA LYS A 101 5.57 -24.75 -0.86
C LYS A 101 4.94 -24.83 -2.24
N GLU A 102 3.72 -25.36 -2.29
CA GLU A 102 3.03 -25.58 -3.54
C GLU A 102 2.19 -24.37 -3.91
N LYS A 103 1.87 -24.24 -5.19
CA LYS A 103 1.11 -23.10 -5.67
C LYS A 103 -0.34 -23.58 -5.65
N LEU A 104 -1.20 -22.89 -4.90
CA LEU A 104 -2.59 -23.32 -4.90
C LEU A 104 -3.38 -22.79 -6.09
N THR A 105 -3.34 -21.49 -6.34
CA THR A 105 -4.24 -20.88 -7.31
C THR A 105 -3.79 -19.46 -7.54
N TYR A 106 -4.62 -18.65 -8.22
CA TYR A 106 -4.39 -17.21 -8.20
C TYR A 106 -5.74 -16.51 -8.17
N LEU A 107 -5.72 -15.26 -7.71
CA LEU A 107 -6.94 -14.48 -7.56
C LEU A 107 -7.33 -13.83 -8.88
N SER A 108 -8.62 -13.64 -9.06
CA SER A 108 -9.08 -12.90 -10.23
C SER A 108 -8.64 -11.45 -10.10
N ASP A 109 -8.62 -10.74 -11.24
CA ASP A 109 -8.33 -9.31 -11.21
C ASP A 109 -9.28 -8.58 -10.27
N ASP A 110 -10.56 -8.96 -10.23
CA ASP A 110 -11.50 -8.31 -9.35
C ASP A 110 -11.11 -8.56 -7.89
N LYS A 111 -10.83 -9.81 -7.56
CA LYS A 111 -10.45 -10.14 -6.19
C LYS A 111 -9.18 -9.41 -5.82
N MET A 112 -8.23 -9.31 -6.76
CA MET A 112 -7.00 -8.58 -6.49
C MET A 112 -7.26 -7.09 -6.31
N LYS A 113 -8.26 -6.54 -6.97
CA LYS A 113 -8.68 -5.17 -6.69
C LYS A 113 -9.15 -5.02 -5.24
N GLU A 114 -9.96 -5.97 -4.77
CA GLU A 114 -10.39 -5.94 -3.37
C GLU A 114 -9.21 -6.05 -2.42
N VAL A 115 -8.32 -7.03 -2.66
CA VAL A 115 -7.09 -7.17 -1.89
C VAL A 115 -6.32 -5.86 -1.84
N ASP A 116 -6.16 -5.22 -3.00
CA ASP A 116 -5.45 -3.93 -3.07
C ASP A 116 -6.11 -2.90 -2.17
N ASN A 117 -7.44 -2.77 -2.25
CA ASN A 117 -8.12 -1.78 -1.42
C ASN A 117 -7.92 -2.08 0.07
N ALA A 118 -8.13 -3.34 0.45
CA ALA A 118 -7.89 -3.74 1.84
C ALA A 118 -6.48 -3.37 2.27
N LEU A 119 -5.50 -3.53 1.38
CA LEU A 119 -4.12 -3.23 1.74
C LEU A 119 -3.96 -1.72 1.93
N MET A 120 -4.64 -0.94 1.09
CA MET A 120 -4.63 0.50 1.19
C MET A 120 -5.14 0.95 2.54
N ILE A 121 -6.16 0.24 3.05
CA ILE A 121 -6.71 0.57 4.36
C ILE A 121 -5.76 0.13 5.46
N SER A 122 -5.29 -1.12 5.39
CA SER A 122 -4.37 -1.64 6.40
C SER A 122 -3.21 -0.68 6.62
N LEU A 123 -2.59 -0.21 5.54
CA LEU A 123 -1.40 0.62 5.66
C LEU A 123 -1.73 2.11 5.64
N GLY A 124 -3.00 2.47 5.66
CA GLY A 124 -3.42 3.86 5.73
C GLY A 124 -3.00 4.67 4.52
N LEU A 125 -3.06 4.06 3.34
CA LEU A 125 -2.63 4.68 2.10
C LEU A 125 -3.82 5.28 1.37
N ASN A 126 -3.53 6.28 0.53
CA ASN A 126 -4.56 6.98 -0.24
C ASN A 126 -4.15 7.02 -1.70
N ALA A 127 -5.14 6.89 -2.59
CA ALA A 127 -4.89 6.93 -4.02
C ALA A 127 -4.65 8.37 -4.49
CA ASP B 13 2.23 4.20 25.53
C ASP B 13 1.61 4.02 24.15
N PRO B 14 0.85 5.03 23.71
CA PRO B 14 0.12 4.91 22.43
C PRO B 14 1.08 4.83 21.24
N ILE B 15 0.84 3.83 20.40
CA ILE B 15 1.67 3.51 19.24
C ILE B 15 1.14 4.24 18.02
N ARG B 16 1.95 5.12 17.44
CA ARG B 16 1.55 5.94 16.30
C ARG B 16 2.30 5.52 15.04
N ARG B 17 1.60 5.65 13.91
CA ARG B 17 2.20 5.37 12.61
C ARG B 17 3.45 6.23 12.45
N GLY B 18 4.53 5.62 11.97
CA GLY B 18 5.74 6.37 11.76
C GLY B 18 6.63 6.48 12.98
N ASP B 19 6.25 5.86 14.09
CA ASP B 19 7.17 5.72 15.20
C ASP B 19 8.23 4.67 14.87
N VAL B 20 9.41 4.84 15.44
CA VAL B 20 10.48 3.85 15.34
C VAL B 20 10.69 3.25 16.71
N TYR B 21 10.52 1.93 16.79
CA TYR B 21 10.69 1.10 17.97
C TYR B 21 11.82 0.09 17.77
N LEU B 22 12.39 -0.37 18.88
CA LEU B 22 13.28 -1.52 18.86
C LEU B 22 12.47 -2.80 18.90
N ALA B 23 12.74 -3.73 17.98
CA ALA B 23 11.95 -4.94 17.93
C ALA B 23 12.82 -6.17 17.71
N ASP B 24 12.35 -7.30 18.23
CA ASP B 24 12.98 -8.61 18.07
C ASP B 24 12.34 -9.33 16.88
N LEU B 25 13.08 -9.45 15.78
CA LEU B 25 12.56 -10.12 14.61
C LEU B 25 12.90 -11.61 14.57
N SER B 26 13.78 -12.08 15.45
CA SER B 26 14.18 -13.47 15.46
C SER B 26 12.99 -14.37 15.80
N PRO B 27 12.97 -15.62 15.28
CA PRO B 27 13.93 -16.02 14.26
C PRO B 27 13.43 -15.75 12.86
N VAL B 28 14.29 -15.95 11.86
CA VAL B 28 13.95 -15.77 10.46
C VAL B 28 14.57 -16.89 9.65
N GLN B 29 14.28 -16.91 8.36
CA GLN B 29 14.75 -17.94 7.45
C GLN B 29 15.35 -17.26 6.21
N GLY B 30 16.42 -17.87 5.68
CA GLY B 30 17.04 -17.36 4.47
C GLY B 30 17.39 -15.88 4.50
N SER B 31 16.92 -15.17 3.48
CA SER B 31 17.26 -13.78 3.23
C SER B 31 16.36 -12.77 3.94
N GLU B 32 15.47 -13.23 4.82
CA GLU B 32 14.70 -12.30 5.64
C GLU B 32 15.61 -11.56 6.61
N GLN B 33 15.31 -10.27 6.81
CA GLN B 33 16.06 -9.50 7.80
C GLN B 33 15.62 -9.95 9.19
N GLY B 34 16.58 -10.40 10.00
CA GLY B 34 16.32 -10.91 11.32
C GLY B 34 16.88 -10.08 12.45
N GLY B 35 16.95 -10.70 13.62
CA GLY B 35 17.56 -10.14 14.81
C GLY B 35 16.73 -9.07 15.47
N VAL B 36 17.34 -8.43 16.46
CA VAL B 36 16.74 -7.31 17.16
C VAL B 36 17.26 -6.04 16.52
N ARG B 37 16.38 -5.32 15.83
CA ARG B 37 16.79 -4.09 15.17
C ARG B 37 15.66 -3.06 15.24
N PRO B 38 15.91 -1.82 14.82
CA PRO B 38 14.81 -0.83 14.76
C PRO B 38 13.86 -1.13 13.62
N VAL B 39 12.58 -0.86 13.87
CA VAL B 39 11.53 -0.97 12.86
C VAL B 39 10.60 0.22 13.00
N VAL B 40 10.02 0.61 11.87
CA VAL B 40 9.06 1.71 11.81
C VAL B 40 7.65 1.15 11.71
N ILE B 41 6.74 1.71 12.49
CA ILE B 41 5.34 1.26 12.47
C ILE B 41 4.73 1.85 11.21
N ILE B 42 4.26 0.98 10.31
CA ILE B 42 3.57 1.43 9.10
C ILE B 42 2.08 1.17 9.13
N GLN B 43 1.56 0.48 10.13
CA GLN B 43 0.15 0.16 10.16
C GLN B 43 -0.66 1.40 10.53
N ASN B 44 -1.92 1.43 10.13
CA ASN B 44 -2.77 2.56 10.44
C ASN B 44 -2.94 2.72 11.95
N ASP B 45 -3.23 3.95 12.37
CA ASP B 45 -3.31 4.28 13.78
C ASP B 45 -4.40 3.48 14.49
N THR B 46 -5.49 3.16 13.80
CA THR B 46 -6.54 2.38 14.43
C THR B 46 -6.02 0.98 14.73
N GLY B 47 -5.39 0.35 13.74
CA GLY B 47 -4.75 -0.93 13.98
C GLY B 47 -3.77 -0.84 15.14
N ASN B 48 -3.07 0.29 15.24
CA ASN B 48 -2.06 0.48 16.27
C ASN B 48 -2.70 0.66 17.64
N LYS B 49 -3.97 1.01 17.70
CA LYS B 49 -4.68 1.17 18.97
C LYS B 49 -5.24 -0.15 19.47
N TYR B 50 -6.08 -0.81 18.67
CA TYR B 50 -6.85 -1.96 19.15
C TYR B 50 -6.21 -3.29 18.80
N SER B 51 -5.26 -3.33 17.88
CA SER B 51 -4.92 -4.68 17.48
C SER B 51 -3.83 -5.25 18.37
N PRO B 52 -3.85 -6.56 18.64
CA PRO B 52 -2.73 -7.17 19.36
C PRO B 52 -1.45 -7.18 18.55
N THR B 53 -1.52 -6.95 17.25
CA THR B 53 -0.35 -6.91 16.38
C THR B 53 -0.25 -5.56 15.68
N VAL B 54 0.97 -5.25 15.25
CA VAL B 54 1.28 -4.10 14.41
C VAL B 54 2.02 -4.59 13.16
N ILE B 55 2.06 -3.71 12.16
CA ILE B 55 2.78 -3.98 10.91
C ILE B 55 3.92 -2.97 10.84
N VAL B 56 5.13 -3.48 10.64
CA VAL B 56 6.35 -2.68 10.65
C VAL B 56 7.14 -2.90 9.38
N ALA B 57 8.06 -1.97 9.13
CA ALA B 57 9.11 -2.15 8.13
C ALA B 57 10.44 -2.14 8.85
N ALA B 58 11.30 -3.09 8.49
CA ALA B 58 12.63 -3.17 9.09
C ALA B 58 13.49 -1.98 8.72
N ILE B 59 14.34 -1.59 9.68
CA ILE B 59 15.38 -0.59 9.50
C ILE B 59 16.72 -1.29 9.69
N THR B 60 17.65 -1.09 8.78
CA THR B 60 18.96 -1.72 8.89
C THR B 60 20.05 -0.66 8.86
N GLY B 61 21.09 -0.88 9.68
CA GLY B 61 22.24 -0.01 9.71
C GLY B 61 23.49 -0.57 9.07
N ARG B 62 23.40 -1.72 8.40
CA ARG B 62 24.54 -2.33 7.74
C ARG B 62 24.80 -1.70 6.39
N ILE B 63 23.97 -0.71 6.04
CA ILE B 63 24.12 0.11 4.84
C ILE B 63 23.72 1.54 5.19
N ASN B 64 24.16 2.45 4.33
CA ASN B 64 24.21 3.89 4.59
C ASN B 64 23.35 4.59 3.55
N LYS B 65 23.65 4.43 2.27
CA LYS B 65 22.88 5.02 1.19
C LYS B 65 22.42 3.85 0.34
N ALA B 66 21.28 4.00 -0.33
CA ALA B 66 20.75 2.89 -1.12
C ALA B 66 19.95 3.40 -2.30
N LYS B 67 20.36 2.99 -3.50
CA LYS B 67 19.71 3.41 -4.74
C LYS B 67 18.61 2.42 -5.17
N ILE B 68 17.64 2.19 -4.29
CA ILE B 68 16.52 1.30 -4.60
C ILE B 68 15.25 2.08 -4.33
N PRO B 69 14.21 1.98 -5.16
CA PRO B 69 12.96 2.70 -4.87
C PRO B 69 12.16 2.18 -3.68
N THR B 70 12.46 1.00 -3.15
CA THR B 70 11.84 0.55 -1.90
C THR B 70 12.68 0.84 -0.66
N HIS B 71 13.80 1.52 -0.80
CA HIS B 71 14.64 1.90 0.33
C HIS B 71 14.51 3.38 0.63
N VAL B 72 14.52 3.75 1.91
CA VAL B 72 14.45 5.16 2.29
C VAL B 72 15.52 5.44 3.35
N GLU B 73 16.37 6.42 3.09
CA GLU B 73 17.49 6.69 3.98
C GLU B 73 17.04 7.54 5.16
N ILE B 74 17.65 7.30 6.32
CA ILE B 74 17.37 8.11 7.51
C ILE B 74 18.66 8.49 8.21
N GLU B 75 18.81 9.78 8.48
CA GLU B 75 19.95 10.36 9.17
C GLU B 75 20.06 9.86 10.60
N LYS B 76 21.30 9.71 11.08
CA LYS B 76 21.51 9.23 12.44
C LYS B 76 21.19 10.32 13.46
N LYS B 77 21.48 11.58 13.14
CA LYS B 77 21.30 12.67 14.09
C LYS B 77 19.83 13.01 14.32
N LYS B 78 19.15 13.51 13.28
CA LYS B 78 17.74 13.91 13.40
C LYS B 78 16.88 12.81 14.03
N TYR B 79 17.08 11.57 13.61
CA TYR B 79 16.26 10.45 14.06
C TYR B 79 16.89 9.65 15.20
N LYS B 80 18.05 10.06 15.72
CA LYS B 80 18.59 9.53 16.97
C LYS B 80 18.85 8.02 16.91
N LEU B 81 19.53 7.57 15.86
CA LEU B 81 19.82 6.15 15.75
C LEU B 81 21.32 5.90 15.90
N ASP B 82 21.70 4.62 15.91
CA ASP B 82 23.10 4.22 16.04
C ASP B 82 23.98 4.80 14.94
N LYS B 83 23.43 5.03 13.75
CA LYS B 83 24.20 5.43 12.58
C LYS B 83 23.20 5.69 11.46
N ASP B 84 23.69 6.30 10.39
CA ASP B 84 22.84 6.52 9.22
C ASP B 84 22.34 5.16 8.73
N SER B 85 21.02 5.04 8.59
CA SER B 85 20.47 3.73 8.30
C SER B 85 19.47 3.83 7.15
N VAL B 86 18.91 2.68 6.77
CA VAL B 86 17.98 2.61 5.65
C VAL B 86 16.76 1.81 6.04
N ILE B 87 15.59 2.40 5.82
CA ILE B 87 14.31 1.71 5.96
C ILE B 87 14.12 0.82 4.75
N LEU B 88 13.78 -0.45 4.99
CA LEU B 88 13.61 -1.43 3.93
C LEU B 88 12.12 -1.72 3.78
N LEU B 89 11.51 -1.17 2.73
CA LEU B 89 10.07 -1.31 2.54
C LEU B 89 9.71 -2.59 1.80
N GLU B 90 10.70 -3.40 1.41
CA GLU B 90 10.45 -4.77 0.97
C GLU B 90 10.58 -5.79 2.10
N GLN B 91 11.04 -5.38 3.29
CA GLN B 91 11.09 -6.29 4.43
C GLN B 91 10.07 -5.83 5.47
N ILE B 92 8.91 -6.49 5.46
CA ILE B 92 7.73 -6.09 6.20
C ILE B 92 7.21 -7.32 6.92
N ARG B 93 6.80 -7.17 8.17
CA ARG B 93 6.12 -8.29 8.82
C ARG B 93 5.24 -7.78 9.94
N THR B 94 4.15 -8.51 10.16
CA THR B 94 3.22 -8.20 11.24
C THR B 94 3.75 -8.81 12.54
N LEU B 95 4.06 -7.96 13.50
CA LEU B 95 4.59 -8.37 14.81
C LEU B 95 3.55 -8.15 15.89
N ASP B 96 3.31 -9.18 16.70
CA ASP B 96 2.66 -8.98 17.99
C ASP B 96 3.38 -7.89 18.77
N LYS B 97 2.60 -7.00 19.39
CA LYS B 97 3.19 -5.89 20.13
C LYS B 97 4.15 -6.35 21.23
N LYS B 98 4.05 -7.59 21.69
CA LYS B 98 4.98 -8.06 22.72
C LYS B 98 6.42 -8.04 22.25
N ARG B 99 6.66 -8.00 20.94
CA ARG B 99 8.02 -7.97 20.42
C ARG B 99 8.65 -6.59 20.45
N LEU B 100 7.85 -5.53 20.61
CA LEU B 100 8.39 -4.18 20.64
C LEU B 100 9.01 -3.88 21.99
N LYS B 101 10.27 -3.43 21.98
CA LYS B 101 10.98 -3.12 23.21
C LYS B 101 10.87 -1.63 23.50
N GLU B 102 11.99 -0.91 23.44
CA GLU B 102 11.95 0.50 23.76
C GLU B 102 11.62 1.30 22.50
N LYS B 103 11.09 2.52 22.71
CA LYS B 103 10.80 3.41 21.60
C LYS B 103 11.99 4.31 21.33
N LEU B 104 12.42 4.38 20.07
CA LEU B 104 13.56 5.24 19.74
C LEU B 104 13.10 6.63 19.35
N THR B 105 12.28 6.74 18.32
CA THR B 105 11.90 8.06 17.82
C THR B 105 10.61 7.95 17.03
N TYR B 106 10.31 8.99 16.26
CA TYR B 106 9.26 8.91 15.26
C TYR B 106 9.70 9.72 14.04
N LEU B 107 9.17 9.34 12.88
CA LEU B 107 9.54 9.98 11.63
C LEU B 107 8.75 11.25 11.38
N SER B 108 9.39 12.20 10.72
CA SER B 108 8.71 13.46 10.43
C SER B 108 7.62 13.23 9.38
N ASP B 109 6.85 14.27 9.10
CA ASP B 109 5.79 14.17 8.10
C ASP B 109 6.36 13.92 6.70
N ASP B 110 7.39 14.69 6.33
CA ASP B 110 7.99 14.53 5.01
C ASP B 110 8.55 13.12 4.84
N LYS B 111 9.27 12.63 5.85
CA LYS B 111 9.86 11.31 5.77
C LYS B 111 8.79 10.25 5.65
N MET B 112 7.64 10.47 6.29
CA MET B 112 6.58 9.48 6.23
C MET B 112 5.84 9.52 4.90
N LYS B 113 5.76 10.69 4.27
CA LYS B 113 5.32 10.74 2.87
C LYS B 113 6.25 9.92 1.98
N GLU B 114 7.56 10.02 2.21
CA GLU B 114 8.50 9.20 1.43
C GLU B 114 8.27 7.71 1.70
N VAL B 115 7.98 7.37 2.95
CA VAL B 115 7.71 5.98 3.30
C VAL B 115 6.44 5.50 2.60
N ASP B 116 5.45 6.39 2.48
CA ASP B 116 4.20 6.04 1.83
C ASP B 116 4.40 5.73 0.35
N ASN B 117 5.03 6.65 -0.40
CA ASN B 117 5.25 6.36 -1.81
CA ASN B 117 5.27 6.39 -1.82
C ASN B 117 6.15 5.15 -2.00
N ALA B 118 7.11 4.95 -1.10
CA ALA B 118 7.93 3.74 -1.16
C ALA B 118 7.08 2.48 -0.98
N LEU B 119 6.06 2.55 -0.11
CA LEU B 119 5.14 1.43 0.04
C LEU B 119 4.32 1.21 -1.23
N MET B 120 3.81 2.30 -1.82
CA MET B 120 3.06 2.22 -3.06
C MET B 120 3.84 1.49 -4.15
N ILE B 121 5.12 1.84 -4.31
CA ILE B 121 5.96 1.13 -5.27
C ILE B 121 6.20 -0.32 -4.85
N SER B 122 6.64 -0.54 -3.60
CA SER B 122 6.93 -1.89 -3.13
C SER B 122 5.78 -2.87 -3.39
N LEU B 123 4.55 -2.46 -3.14
CA LEU B 123 3.39 -3.32 -3.32
C LEU B 123 2.71 -3.16 -4.67
N GLY B 124 3.29 -2.35 -5.57
CA GLY B 124 2.71 -2.19 -6.89
C GLY B 124 1.29 -1.67 -6.85
N LEU B 125 1.05 -0.68 -6.00
CA LEU B 125 -0.26 -0.05 -5.84
C LEU B 125 -0.41 1.20 -6.70
N ASN B 126 0.68 1.72 -7.27
CA ASN B 126 0.75 2.90 -8.13
C ASN B 126 0.91 4.17 -7.28
N GLN C 4 4.61 -25.73 -28.58
CA GLN C 4 4.19 -25.22 -27.29
C GLN C 4 3.32 -23.97 -27.42
N LEU C 5 3.59 -23.15 -28.44
CA LEU C 5 2.71 -22.03 -28.80
C LEU C 5 2.38 -22.14 -30.29
N GLN C 6 1.12 -22.39 -30.61
CA GLN C 6 0.68 -22.55 -32.00
C GLN C 6 -0.25 -21.41 -32.39
N GLU C 7 0.17 -20.60 -33.36
CA GLU C 7 -0.67 -19.56 -33.93
C GLU C 7 -1.63 -20.14 -34.97
N SER C 8 -2.77 -19.48 -35.13
CA SER C 8 -3.69 -19.75 -36.22
C SER C 8 -4.43 -18.47 -36.56
N GLY C 9 -5.27 -18.55 -37.60
CA GLY C 9 -6.16 -17.47 -37.99
C GLY C 9 -5.63 -16.50 -39.03
N GLY C 10 -4.36 -16.55 -39.38
CA GLY C 10 -3.84 -15.66 -40.41
C GLY C 10 -4.44 -15.93 -41.78
N GLY C 11 -4.16 -15.01 -42.71
CA GLY C 11 -4.75 -15.10 -44.02
C GLY C 11 -4.54 -13.84 -44.83
N LEU C 12 -5.17 -13.84 -46.02
CA LEU C 12 -5.17 -12.72 -46.95
C LEU C 12 -6.54 -12.07 -46.90
N VAL C 13 -6.56 -10.74 -46.75
CA VAL C 13 -7.80 -9.98 -46.73
C VAL C 13 -7.67 -8.69 -47.54
N GLN C 14 -8.81 -8.19 -47.99
CA GLN C 14 -8.88 -6.90 -48.66
C GLN C 14 -8.76 -5.80 -47.61
N PRO C 15 -8.38 -4.58 -48.02
CA PRO C 15 -8.32 -3.48 -47.05
C PRO C 15 -9.68 -3.18 -46.45
N GLY C 16 -9.69 -2.88 -45.15
CA GLY C 16 -10.90 -2.67 -44.42
C GLY C 16 -11.49 -3.92 -43.80
N GLY C 17 -10.94 -5.10 -44.11
CA GLY C 17 -11.39 -6.34 -43.52
C GLY C 17 -10.88 -6.55 -42.10
N SER C 18 -11.20 -7.74 -41.58
CA SER C 18 -10.86 -8.12 -40.22
C SER C 18 -10.46 -9.60 -40.18
N LEU C 19 -9.73 -9.96 -39.13
CA LEU C 19 -9.29 -11.33 -38.90
C LEU C 19 -9.19 -11.57 -37.40
N ARG C 20 -9.20 -12.85 -37.02
CA ARG C 20 -9.08 -13.24 -35.61
C ARG C 20 -7.94 -14.23 -35.47
N LEU C 21 -6.81 -13.75 -34.98
CA LEU C 21 -5.65 -14.59 -34.69
C LEU C 21 -5.82 -15.27 -33.34
N SER C 22 -5.34 -16.51 -33.23
CA SER C 22 -5.38 -17.19 -31.94
C SER C 22 -4.04 -17.88 -31.70
N CYS C 23 -3.70 -18.04 -30.43
CA CYS C 23 -2.44 -18.66 -30.02
C CYS C 23 -2.71 -19.63 -28.88
N ALA C 24 -2.43 -20.91 -29.12
CA ALA C 24 -2.70 -21.98 -28.16
C ALA C 24 -1.42 -22.41 -27.46
N ALA C 25 -1.46 -22.45 -26.12
CA ALA C 25 -0.31 -22.75 -25.29
C ALA C 25 -0.43 -24.16 -24.71
N SER C 26 0.71 -24.83 -24.56
CA SER C 26 0.77 -26.11 -23.86
C SER C 26 2.19 -26.33 -23.35
N GLY C 27 2.32 -27.19 -22.34
CA GLY C 27 3.61 -27.55 -21.80
C GLY C 27 4.11 -26.68 -20.67
N PHE C 28 3.34 -25.67 -20.29
CA PHE C 28 3.69 -24.74 -19.23
C PHE C 28 2.40 -24.18 -18.67
N THR C 29 2.49 -23.51 -17.53
CA THR C 29 1.28 -23.05 -16.85
C THR C 29 0.92 -21.68 -17.38
N PHE C 30 -0.15 -21.63 -18.17
CA PHE C 30 -0.49 -20.43 -18.92
C PHE C 30 -0.92 -19.31 -17.98
N SER C 31 -1.47 -19.68 -16.84
CA SER C 31 -1.90 -18.83 -15.75
C SER C 31 -0.76 -18.18 -15.04
N SER C 32 0.45 -18.12 -15.61
CA SER C 32 1.56 -17.45 -14.98
C SER C 32 2.27 -16.41 -15.85
N TYR C 33 1.87 -16.25 -17.11
CA TYR C 33 2.52 -15.31 -18.02
C TYR C 33 1.57 -14.24 -18.53
N ASP C 34 2.14 -13.06 -18.79
CA ASP C 34 1.50 -12.08 -19.64
C ASP C 34 1.77 -12.43 -21.09
N MET C 35 0.90 -11.99 -21.99
CA MET C 35 1.02 -12.36 -23.39
C MET C 35 1.18 -11.12 -24.25
N SER C 36 1.93 -11.26 -25.34
CA SER C 36 2.12 -10.18 -26.29
C SER C 36 1.93 -10.70 -27.71
N TRP C 37 1.49 -9.80 -28.58
CA TRP C 37 1.54 -9.98 -30.03
C TRP C 37 2.58 -9.03 -30.60
N VAL C 38 3.52 -9.56 -31.38
CA VAL C 38 4.45 -8.73 -32.13
C VAL C 38 4.49 -9.18 -33.59
N ARG C 39 4.65 -8.22 -34.51
CA ARG C 39 4.54 -8.50 -35.93
C ARG C 39 5.83 -8.07 -36.61
N GLN C 40 6.10 -8.66 -37.78
CA GLN C 40 7.27 -8.30 -38.57
C GLN C 40 6.91 -8.21 -40.04
N ALA C 41 7.11 -7.05 -40.62
CA ALA C 41 6.93 -6.89 -42.05
C ALA C 41 8.24 -7.20 -42.75
N PRO C 42 8.21 -7.57 -44.02
CA PRO C 42 9.47 -7.95 -44.70
C PRO C 42 10.50 -6.83 -44.63
N GLY C 43 11.71 -7.19 -44.18
CA GLY C 43 12.79 -6.23 -44.07
C GLY C 43 12.61 -5.26 -42.92
N LYS C 44 11.57 -4.42 -42.98
CA LYS C 44 11.30 -3.48 -41.91
CA LYS C 44 11.31 -3.48 -41.91
C LYS C 44 11.18 -4.22 -40.58
N GLY C 45 11.95 -3.75 -39.59
CA GLY C 45 12.11 -4.42 -38.30
C GLY C 45 10.88 -4.88 -37.54
N LEU C 46 11.12 -5.54 -36.40
CA LEU C 46 10.03 -6.06 -35.59
C LEU C 46 9.29 -4.93 -34.90
N GLU C 47 7.95 -4.97 -34.98
CA GLU C 47 7.09 -3.99 -34.34
C GLU C 47 6.23 -4.68 -33.29
N TRP C 48 6.42 -4.31 -32.02
CA TRP C 48 5.54 -4.83 -30.98
C TRP C 48 4.13 -4.32 -31.20
N VAL C 49 3.13 -5.17 -30.93
CA VAL C 49 1.76 -4.84 -31.27
C VAL C 49 0.89 -4.69 -30.02
N SER C 50 0.77 -5.75 -29.22
CA SER C 50 -0.16 -5.70 -28.10
C SER C 50 0.32 -6.60 -26.98
N ALA C 51 -0.41 -6.53 -25.86
CA ALA C 51 -0.10 -7.32 -24.67
C ALA C 51 -1.33 -7.37 -23.78
N ILE C 52 -1.31 -8.30 -22.83
CA ILE C 52 -2.42 -8.54 -21.92
C ILE C 52 -1.87 -9.22 -20.69
N ASN C 53 -2.36 -8.81 -19.52
CA ASN C 53 -1.81 -9.30 -18.28
C ASN C 53 -2.27 -10.74 -18.04
N ARG C 54 -1.78 -11.31 -16.94
CA ARG C 54 -1.98 -12.74 -16.69
C ARG C 54 -3.45 -13.06 -16.43
N GLY C 55 -4.19 -12.15 -15.81
CA GLY C 55 -5.57 -12.38 -15.46
C GLY C 55 -6.57 -11.86 -16.48
N GLY C 56 -6.13 -11.03 -17.42
CA GLY C 56 -6.97 -10.53 -18.48
C GLY C 56 -7.47 -9.12 -18.29
N GLY C 57 -7.45 -8.60 -17.07
CA GLY C 57 -8.02 -7.30 -16.78
C GLY C 57 -7.34 -6.13 -17.46
N SER C 58 -6.07 -6.28 -17.81
CA SER C 58 -5.26 -5.17 -18.27
C SER C 58 -4.67 -5.50 -19.64
N THR C 59 -4.85 -4.58 -20.59
CA THR C 59 -4.47 -4.79 -21.98
C THR C 59 -3.70 -3.58 -22.47
N TYR C 60 -2.82 -3.80 -23.44
CA TYR C 60 -1.95 -2.74 -23.93
C TYR C 60 -1.79 -2.91 -25.44
N TYR C 61 -1.54 -1.79 -26.11
CA TYR C 61 -1.50 -1.77 -27.57
C TYR C 61 -0.49 -0.75 -28.07
N ALA C 62 0.16 -1.08 -29.19
CA ALA C 62 1.02 -0.12 -29.86
C ALA C 62 0.18 0.97 -30.50
N ASP C 63 0.76 2.17 -30.58
CA ASP C 63 0.04 3.31 -31.16
C ASP C 63 -0.45 3.04 -32.57
N SER C 64 0.27 2.20 -33.33
CA SER C 64 -0.07 1.97 -34.73
C SER C 64 -1.32 1.11 -34.90
N VAL C 65 -1.56 0.17 -33.98
CA VAL C 65 -2.74 -0.68 -34.01
C VAL C 65 -3.84 -0.25 -33.05
N LYS C 66 -3.61 0.80 -32.24
CA LYS C 66 -4.50 1.08 -31.13
C LYS C 66 -5.90 1.45 -31.62
N GLY C 67 -6.91 0.79 -31.05
CA GLY C 67 -8.30 1.01 -31.41
C GLY C 67 -8.78 0.16 -32.56
N ARG C 68 -7.87 -0.29 -33.43
CA ARG C 68 -8.19 -1.24 -34.49
C ARG C 68 -8.16 -2.68 -33.99
N PHE C 69 -7.24 -3.02 -33.09
CA PHE C 69 -7.10 -4.38 -32.60
C PHE C 69 -7.58 -4.50 -31.15
N THR C 70 -8.03 -5.70 -30.80
CA THR C 70 -8.50 -6.03 -29.46
C THR C 70 -7.89 -7.37 -29.06
N ILE C 71 -7.19 -7.38 -27.92
CA ILE C 71 -6.52 -8.55 -27.37
C ILE C 71 -7.40 -9.16 -26.30
N SER C 72 -7.36 -10.49 -26.19
CA SER C 72 -8.17 -11.18 -25.19
C SER C 72 -7.52 -12.50 -24.84
N ARG C 73 -7.98 -13.09 -23.74
CA ARG C 73 -7.44 -14.37 -23.27
C ARG C 73 -8.54 -15.26 -22.72
N ASP C 74 -8.40 -16.56 -22.93
CA ASP C 74 -9.20 -17.57 -22.24
C ASP C 74 -8.23 -18.48 -21.50
N ASN C 75 -8.20 -18.39 -20.17
CA ASN C 75 -7.21 -19.15 -19.42
C ASN C 75 -7.63 -20.61 -19.26
N ALA C 76 -8.92 -20.91 -19.47
CA ALA C 76 -9.39 -22.29 -19.44
C ALA C 76 -8.94 -23.04 -20.69
N LYS C 77 -9.01 -22.39 -21.84
CA LYS C 77 -8.55 -22.97 -23.10
C LYS C 77 -7.06 -22.73 -23.30
N ASN C 78 -6.42 -21.99 -22.41
CA ASN C 78 -5.01 -21.65 -22.52
C ASN C 78 -4.74 -21.05 -23.89
N THR C 79 -5.54 -20.03 -24.23
CA THR C 79 -5.46 -19.42 -25.55
C THR C 79 -5.51 -17.90 -25.45
N VAL C 80 -4.81 -17.24 -26.38
CA VAL C 80 -4.84 -15.80 -26.55
C VAL C 80 -5.48 -15.50 -27.90
N TYR C 81 -6.21 -14.38 -27.99
CA TYR C 81 -6.74 -13.96 -29.27
C TYR C 81 -6.30 -12.52 -29.56
N LEU C 82 -6.20 -12.21 -30.86
CA LEU C 82 -6.09 -10.85 -31.37
C LEU C 82 -7.11 -10.62 -32.47
N GLN C 83 -8.06 -9.73 -32.22
CA GLN C 83 -9.03 -9.28 -33.22
C GLN C 83 -8.47 -8.07 -33.96
N MET C 84 -8.26 -8.20 -35.26
CA MET C 84 -7.74 -7.13 -36.11
C MET C 84 -8.85 -6.62 -37.02
N ASN C 85 -9.15 -5.33 -36.94
CA ASN C 85 -10.16 -4.70 -37.78
C ASN C 85 -9.56 -3.50 -38.53
N SER C 86 -10.32 -3.02 -39.51
CA SER C 86 -9.90 -1.93 -40.40
C SER C 86 -8.48 -2.15 -40.91
N LEU C 87 -8.23 -3.35 -41.42
CA LEU C 87 -6.91 -3.70 -41.92
C LEU C 87 -6.57 -2.87 -43.15
N LYS C 88 -5.30 -2.53 -43.28
CA LYS C 88 -4.76 -1.81 -44.41
C LYS C 88 -3.47 -2.47 -44.89
N PRO C 89 -3.05 -2.19 -46.13
CA PRO C 89 -1.85 -2.88 -46.66
C PRO C 89 -0.64 -2.81 -45.73
N GLU C 90 -0.43 -1.68 -45.05
CA GLU C 90 0.71 -1.55 -44.15
C GLU C 90 0.66 -2.53 -42.98
N ASP C 91 -0.47 -3.21 -42.77
CA ASP C 91 -0.57 -4.22 -41.72
C ASP C 91 -0.01 -5.57 -42.15
N THR C 92 0.30 -5.75 -43.43
CA THR C 92 0.83 -7.01 -43.93
C THR C 92 2.15 -7.33 -43.24
N ALA C 93 2.23 -8.54 -42.66
CA ALA C 93 3.36 -8.95 -41.83
C ALA C 93 3.09 -10.36 -41.33
N VAL C 94 4.11 -10.96 -40.71
CA VAL C 94 3.95 -12.18 -39.92
C VAL C 94 3.70 -11.81 -38.47
N TYR C 95 2.74 -12.48 -37.84
CA TYR C 95 2.30 -12.16 -36.50
C TYR C 95 2.67 -13.29 -35.55
N TYR C 96 3.45 -12.97 -34.52
CA TYR C 96 3.91 -13.92 -33.51
C TYR C 96 3.21 -13.65 -32.19
N CYS C 97 2.75 -14.70 -31.51
CA CYS C 97 2.50 -14.59 -30.07
C CYS C 97 3.79 -14.84 -29.30
N ALA C 98 3.90 -14.19 -28.14
CA ALA C 98 5.05 -14.35 -27.26
C ALA C 98 4.57 -14.18 -25.84
N THR C 99 5.35 -14.68 -24.88
CA THR C 99 5.05 -14.53 -23.47
C THR C 99 5.90 -13.42 -22.89
N TRP C 100 5.27 -12.48 -22.19
CA TRP C 100 5.97 -11.38 -21.54
C TRP C 100 5.94 -11.58 -20.03
N TRP C 101 7.12 -11.56 -19.42
CA TRP C 101 7.29 -11.81 -17.99
C TRP C 101 8.20 -10.70 -17.45
N VAL C 102 7.57 -9.62 -16.99
CA VAL C 102 8.19 -8.47 -16.33
C VAL C 102 8.91 -7.55 -17.32
N ASP C 103 9.75 -8.11 -18.20
CA ASP C 103 10.55 -7.25 -19.07
C ASP C 103 10.91 -7.94 -20.38
N SER C 104 11.22 -9.22 -20.31
CA SER C 104 11.70 -9.98 -21.45
C SER C 104 10.64 -10.95 -21.92
N TYR C 105 10.89 -11.57 -23.06
CA TYR C 105 10.09 -12.68 -23.55
C TYR C 105 10.75 -14.01 -23.19
N ASP C 106 9.95 -15.07 -23.19
CA ASP C 106 10.44 -16.40 -22.85
C ASP C 106 10.13 -17.37 -23.97
N TYR C 107 8.86 -17.71 -24.16
CA TYR C 107 8.47 -18.64 -25.21
C TYR C 107 7.96 -17.86 -26.42
N TRP C 108 8.25 -18.38 -27.61
CA TRP C 108 7.83 -17.77 -28.87
C TRP C 108 7.08 -18.75 -29.74
N GLY C 109 6.01 -18.26 -30.40
CA GLY C 109 5.26 -19.07 -31.33
C GLY C 109 6.00 -19.18 -32.66
N GLN C 110 5.39 -19.90 -33.60
CA GLN C 110 6.01 -20.09 -34.91
C GLN C 110 5.58 -19.04 -35.93
N GLY C 111 4.58 -18.22 -35.62
CA GLY C 111 4.09 -17.19 -36.52
C GLY C 111 2.92 -17.62 -37.38
N THR C 112 2.14 -16.64 -37.80
CA THR C 112 1.12 -16.81 -38.83
C THR C 112 1.16 -15.61 -39.78
N GLN C 113 0.97 -15.86 -41.08
CA GLN C 113 1.12 -14.80 -42.07
C GLN C 113 -0.20 -14.06 -42.25
N VAL C 114 -0.11 -12.74 -42.36
CA VAL C 114 -1.24 -11.87 -42.65
C VAL C 114 -0.87 -10.95 -43.81
N THR C 115 -1.69 -10.97 -44.86
CA THR C 115 -1.47 -10.13 -46.02
C THR C 115 -2.73 -9.33 -46.31
N VAL C 116 -2.59 -8.02 -46.49
CA VAL C 116 -3.70 -7.14 -46.82
C VAL C 116 -3.38 -6.50 -48.16
N SER C 117 -4.07 -6.92 -49.22
CA SER C 117 -3.93 -6.30 -50.53
C SER C 117 -5.19 -6.57 -51.34
N SER C 118 -5.38 -5.74 -52.37
CA SER C 118 -6.51 -5.94 -53.27
C SER C 118 -6.31 -7.13 -54.20
N HIS C 119 -5.06 -7.59 -54.36
CA HIS C 119 -4.70 -8.79 -55.11
C HIS C 119 -4.88 -8.62 -56.61
N HIS C 120 -3.89 -9.06 -57.38
CA HIS C 120 -3.92 -9.03 -58.84
C HIS C 120 -4.26 -7.65 -59.40
N GLN D 4 -1.54 17.39 34.88
CA GLN D 4 -0.98 16.68 33.73
C GLN D 4 -1.09 17.54 32.47
N LEU D 5 -2.18 18.29 32.35
CA LEU D 5 -2.36 19.31 31.31
C LEU D 5 -2.75 20.61 31.96
N GLN D 6 -1.87 21.62 31.89
CA GLN D 6 -2.15 22.92 32.51
C GLN D 6 -2.30 23.97 31.42
N GLU D 7 -3.49 24.56 31.33
CA GLU D 7 -3.73 25.68 30.42
C GLU D 7 -3.23 27.00 31.02
N SER D 8 -2.87 27.93 30.14
CA SER D 8 -2.58 29.30 30.52
C SER D 8 -2.91 30.21 29.34
N GLY D 9 -2.77 31.52 29.57
CA GLY D 9 -2.89 32.51 28.53
C GLY D 9 -4.27 33.13 28.35
N GLY D 10 -5.30 32.62 29.00
CA GLY D 10 -6.62 33.22 28.88
C GLY D 10 -6.68 34.62 29.48
N GLY D 11 -7.79 35.30 29.21
CA GLY D 11 -7.93 36.67 29.66
C GLY D 11 -9.12 37.37 29.04
N LEU D 12 -9.21 38.65 29.35
CA LEU D 12 -10.24 39.54 28.81
C LEU D 12 -9.62 40.44 27.75
N VAL D 13 -10.26 40.50 26.58
CA VAL D 13 -9.82 41.36 25.49
C VAL D 13 -11.02 42.01 24.83
N GLN D 14 -10.79 43.16 24.19
CA GLN D 14 -11.81 43.81 23.39
C GLN D 14 -12.00 43.06 22.07
N PRO D 15 -13.14 43.23 21.41
CA PRO D 15 -13.35 42.59 20.11
C PRO D 15 -12.33 43.06 19.07
N GLY D 16 -11.87 42.12 18.25
CA GLY D 16 -10.84 42.36 17.28
C GLY D 16 -9.44 42.14 17.81
N GLY D 17 -9.30 41.90 19.10
CA GLY D 17 -8.02 41.60 19.72
C GLY D 17 -7.60 40.17 19.47
N SER D 18 -6.49 39.79 20.10
CA SER D 18 -5.94 38.46 19.92
C SER D 18 -5.39 37.95 21.25
N LEU D 19 -5.29 36.63 21.35
CA LEU D 19 -4.74 35.95 22.51
C LEU D 19 -4.07 34.67 22.07
N ARG D 20 -3.19 34.14 22.91
CA ARG D 20 -2.55 32.86 22.64
C ARG D 20 -2.73 31.95 23.85
N LEU D 21 -3.63 30.99 23.72
CA LEU D 21 -3.82 29.99 24.75
C LEU D 21 -2.72 28.96 24.65
N SER D 22 -2.27 28.44 25.78
CA SER D 22 -1.27 27.39 25.75
C SER D 22 -1.63 26.28 26.72
N CYS D 23 -1.17 25.07 26.40
CA CYS D 23 -1.45 23.88 27.19
C CYS D 23 -0.16 23.09 27.35
N ALA D 24 0.29 22.96 28.59
CA ALA D 24 1.53 22.28 28.93
C ALA D 24 1.25 20.88 29.46
N ALA D 25 1.93 19.89 28.90
CA ALA D 25 1.72 18.49 29.24
C ALA D 25 2.87 17.96 30.09
N SER D 26 2.54 17.07 31.01
CA SER D 26 3.55 16.35 31.79
C SER D 26 2.95 15.04 32.28
N GLY D 27 3.82 14.08 32.59
CA GLY D 27 3.40 12.82 33.16
C GLY D 27 3.08 11.75 32.14
N PHE D 28 3.20 12.06 30.86
CA PHE D 28 2.93 11.13 29.77
C PHE D 28 3.74 11.61 28.56
N THR D 29 3.82 10.75 27.55
CA THR D 29 4.70 11.04 26.41
C THR D 29 3.91 11.84 25.38
N PHE D 30 4.26 13.12 25.27
CA PHE D 30 3.47 14.07 24.49
C PHE D 30 3.56 13.76 23.00
N SER D 31 4.70 13.23 22.58
CA SER D 31 4.97 12.86 21.20
C SER D 31 4.20 11.64 20.73
N SER D 32 3.13 11.25 21.44
CA SER D 32 2.33 10.11 21.02
C SER D 32 0.84 10.40 20.87
N TYR D 33 0.39 11.61 21.18
CA TYR D 33 -1.03 11.96 21.11
C TYR D 33 -1.24 13.09 20.12
N ASP D 34 -2.40 13.08 19.46
CA ASP D 34 -2.87 14.26 18.77
C ASP D 34 -3.57 15.19 19.77
N MET D 35 -3.60 16.48 19.45
CA MET D 35 -4.13 17.45 20.40
C MET D 35 -5.31 18.20 19.81
N SER D 36 -6.25 18.56 20.67
CA SER D 36 -7.42 19.33 20.29
C SER D 36 -7.66 20.48 21.27
N TRP D 37 -8.27 21.54 20.77
CA TRP D 37 -8.88 22.58 21.61
C TRP D 37 -10.38 22.47 21.44
N VAL D 38 -11.10 22.36 22.57
CA VAL D 38 -12.56 22.42 22.60
C VAL D 38 -13.01 23.41 23.66
N ARG D 39 -14.11 24.11 23.40
CA ARG D 39 -14.55 25.20 24.25
C ARG D 39 -15.97 24.95 24.74
N GLN D 40 -16.30 25.56 25.87
CA GLN D 40 -17.64 25.48 26.46
C GLN D 40 -18.03 26.86 26.98
N ALA D 41 -19.12 27.40 26.46
CA ALA D 41 -19.63 28.65 26.97
C ALA D 41 -20.62 28.38 28.10
N PRO D 42 -20.82 29.35 29.01
CA PRO D 42 -21.70 29.10 30.16
C PRO D 42 -23.09 28.66 29.72
N GLY D 43 -23.55 27.55 30.28
CA GLY D 43 -24.86 27.04 29.95
C GLY D 43 -24.97 26.41 28.57
N LYS D 44 -23.83 26.11 27.94
CA LYS D 44 -23.79 25.47 26.64
C LYS D 44 -22.94 24.21 26.73
N GLY D 45 -23.09 23.33 25.74
CA GLY D 45 -22.29 22.13 25.68
C GLY D 45 -20.93 22.39 25.07
N LEU D 46 -20.10 21.35 25.05
CA LEU D 46 -18.76 21.48 24.51
C LEU D 46 -18.78 21.60 22.99
N GLU D 47 -18.03 22.57 22.49
CA GLU D 47 -17.90 22.82 21.06
C GLU D 47 -16.45 22.58 20.67
N TRP D 48 -16.20 21.60 19.83
CA TRP D 48 -14.84 21.40 19.32
C TRP D 48 -14.40 22.59 18.48
N VAL D 49 -13.12 22.94 18.61
CA VAL D 49 -12.57 24.15 18.00
C VAL D 49 -11.53 23.76 16.97
N SER D 50 -10.47 23.09 17.42
CA SER D 50 -9.36 22.80 16.54
C SER D 50 -8.66 21.52 16.97
N ALA D 51 -7.71 21.10 16.14
CA ALA D 51 -6.94 19.89 16.38
C ALA D 51 -5.68 19.93 15.53
N ILE D 52 -4.73 19.08 15.90
CA ILE D 52 -3.44 19.00 15.25
C ILE D 52 -2.85 17.63 15.53
N ASN D 53 -2.24 17.04 14.50
CA ASN D 53 -1.74 15.67 14.59
C ASN D 53 -0.47 15.62 15.44
N ARG D 54 0.05 14.40 15.57
CA ARG D 54 1.18 14.16 16.47
C ARG D 54 2.42 14.90 16.02
N GLY D 55 2.64 15.00 14.71
CA GLY D 55 3.85 15.61 14.22
C GLY D 55 3.74 17.08 13.89
N GLY D 56 2.52 17.61 13.83
CA GLY D 56 2.30 19.01 13.61
C GLY D 56 1.90 19.38 12.20
N GLY D 57 2.16 18.50 11.23
CA GLY D 57 1.94 18.82 9.83
C GLY D 57 0.49 19.06 9.45
N SER D 58 -0.45 18.52 10.21
CA SER D 58 -1.86 18.52 9.80
C SER D 58 -2.70 19.15 10.90
N THR D 59 -3.51 20.13 10.52
CA THR D 59 -4.28 20.94 11.46
C THR D 59 -5.72 21.03 10.98
N TYR D 60 -6.64 21.17 11.93
CA TYR D 60 -8.06 21.18 11.63
C TYR D 60 -8.75 22.20 12.52
N TYR D 61 -9.88 22.73 12.04
CA TYR D 61 -10.55 23.81 12.74
C TYR D 61 -12.05 23.70 12.53
N ALA D 62 -12.81 24.08 13.56
CA ALA D 62 -14.25 24.17 13.43
C ALA D 62 -14.64 25.34 12.54
N ASP D 63 -15.78 25.17 11.84
CA ASP D 63 -16.26 26.20 10.93
C ASP D 63 -16.45 27.56 11.61
N SER D 64 -16.77 27.56 12.90
CA SER D 64 -17.04 28.81 13.60
C SER D 64 -15.79 29.62 13.85
N VAL D 65 -14.65 28.96 14.06
CA VAL D 65 -13.36 29.61 14.25
C VAL D 65 -12.48 29.60 13.00
N LYS D 66 -12.91 28.98 11.91
CA LYS D 66 -12.01 28.70 10.80
C LYS D 66 -11.52 29.99 10.16
N GLY D 67 -10.19 30.10 10.01
CA GLY D 67 -9.54 31.25 9.42
C GLY D 67 -9.21 32.35 10.42
N ARG D 68 -9.95 32.41 11.53
CA ARG D 68 -9.65 33.31 12.64
C ARG D 68 -8.60 32.75 13.59
N PHE D 69 -8.63 31.44 13.85
CA PHE D 69 -7.70 30.81 14.78
C PHE D 69 -6.68 29.94 14.06
N THR D 70 -5.51 29.81 14.68
CA THR D 70 -4.40 29.00 14.18
C THR D 70 -3.85 28.15 15.32
N ILE D 71 -3.82 26.84 15.11
CA ILE D 71 -3.34 25.86 16.09
C ILE D 71 -1.90 25.49 15.76
N SER D 72 -1.11 25.24 16.81
CA SER D 72 0.29 24.89 16.63
C SER D 72 0.76 24.05 17.81
N ARG D 73 1.93 23.43 17.64
CA ARG D 73 2.51 22.58 18.67
C ARG D 73 4.03 22.78 18.71
N ASP D 74 4.57 22.70 19.93
CA ASP D 74 6.02 22.58 20.11
C ASP D 74 6.30 21.29 20.86
N ASN D 75 6.87 20.31 20.16
CA ASN D 75 7.08 19.00 20.75
C ASN D 75 8.31 18.95 21.65
N ALA D 76 9.22 19.93 21.52
CA ALA D 76 10.36 20.03 22.42
C ALA D 76 9.95 20.53 23.80
N LYS D 77 9.05 21.50 23.84
CA LYS D 77 8.51 22.04 25.08
C LYS D 77 7.31 21.24 25.56
N ASN D 78 6.86 20.26 24.78
CA ASN D 78 5.69 19.46 25.11
C ASN D 78 4.51 20.37 25.40
N THR D 79 4.24 21.27 24.44
CA THR D 79 3.20 22.27 24.62
C THR D 79 2.38 22.41 23.33
N VAL D 80 1.10 22.74 23.51
CA VAL D 80 0.21 23.06 22.40
C VAL D 80 -0.14 24.53 22.51
N TYR D 81 -0.31 25.20 21.37
CA TYR D 81 -0.73 26.59 21.38
C TYR D 81 -1.96 26.76 20.50
N LEU D 82 -2.77 27.75 20.85
CA LEU D 82 -3.84 28.27 20.00
C LEU D 82 -3.71 29.78 19.89
N GLN D 83 -3.43 30.28 18.69
CA GLN D 83 -3.44 31.71 18.41
C GLN D 83 -4.83 32.10 17.92
N MET D 84 -5.49 32.97 18.68
CA MET D 84 -6.83 33.44 18.35
C MET D 84 -6.73 34.90 17.94
N ASN D 85 -7.17 35.20 16.72
CA ASN D 85 -7.20 36.55 16.18
C ASN D 85 -8.62 36.87 15.70
N SER D 86 -8.86 38.15 15.43
CA SER D 86 -10.18 38.64 15.02
C SER D 86 -11.27 38.08 15.94
N LEU D 87 -11.02 38.21 17.24
CA LEU D 87 -11.94 37.71 18.24
C LEU D 87 -13.25 38.49 18.18
N LYS D 88 -14.35 37.78 18.46
CA LYS D 88 -15.67 38.36 18.52
C LYS D 88 -16.39 37.89 19.77
N PRO D 89 -17.45 38.59 20.19
CA PRO D 89 -18.13 38.22 21.44
C PRO D 89 -18.52 36.76 21.53
N GLU D 90 -18.95 36.15 20.42
CA GLU D 90 -19.35 34.75 20.43
C GLU D 90 -18.20 33.82 20.77
N ASP D 91 -16.96 34.30 20.78
CA ASP D 91 -15.83 33.46 21.16
C ASP D 91 -15.65 33.37 22.67
N THR D 92 -16.36 34.18 23.44
CA THR D 92 -16.25 34.14 24.90
C THR D 92 -16.67 32.77 25.40
N ALA D 93 -15.80 32.13 26.18
CA ALA D 93 -16.02 30.74 26.61
C ALA D 93 -14.83 30.30 27.45
N VAL D 94 -14.97 29.13 28.06
CA VAL D 94 -13.83 28.44 28.66
C VAL D 94 -13.23 27.48 27.64
N TYR D 95 -11.92 27.48 27.55
CA TYR D 95 -11.19 26.71 26.54
C TYR D 95 -10.35 25.63 27.20
N TYR D 96 -10.61 24.39 26.82
CA TYR D 96 -9.90 23.22 27.32
C TYR D 96 -9.03 22.66 26.20
N CYS D 97 -7.79 22.30 26.53
CA CYS D 97 -7.06 21.37 25.69
C CYS D 97 -7.42 19.94 26.05
N ALA D 98 -7.36 19.07 25.05
CA ALA D 98 -7.65 17.65 25.25
C ALA D 98 -6.78 16.87 24.29
N THR D 99 -6.55 15.59 24.62
CA THR D 99 -5.75 14.72 23.77
C THR D 99 -6.69 13.85 22.95
N TRP D 100 -6.45 13.79 21.65
CA TRP D 100 -7.26 12.96 20.76
C TRP D 100 -6.44 11.77 20.32
N TRP D 101 -7.00 10.58 20.51
CA TRP D 101 -6.32 9.31 20.27
C TRP D 101 -7.27 8.45 19.45
N VAL D 102 -7.16 8.58 18.12
CA VAL D 102 -7.88 7.76 17.14
C VAL D 102 -9.36 8.12 17.07
N ASP D 103 -10.03 8.23 18.22
CA ASP D 103 -11.47 8.39 18.21
C ASP D 103 -11.99 9.14 19.42
N SER D 104 -11.43 8.88 20.59
CA SER D 104 -11.90 9.46 21.84
C SER D 104 -10.91 10.48 22.36
N TYR D 105 -11.34 11.18 23.40
CA TYR D 105 -10.46 12.00 24.21
C TYR D 105 -10.06 11.20 25.44
N ASP D 106 -8.93 11.59 26.03
CA ASP D 106 -8.40 10.84 27.18
C ASP D 106 -8.18 11.76 28.37
N TYR D 107 -7.17 12.62 28.34
CA TYR D 107 -6.86 13.52 29.45
C TYR D 107 -7.44 14.89 29.17
N TRP D 108 -7.89 15.57 30.23
CA TRP D 108 -8.43 16.91 30.03
C TRP D 108 -7.69 17.88 30.93
N GLY D 109 -7.38 19.05 30.38
CA GLY D 109 -6.75 20.12 31.12
C GLY D 109 -7.72 20.88 31.99
N GLN D 110 -7.17 21.85 32.70
CA GLN D 110 -7.94 22.72 33.58
C GLN D 110 -8.32 23.93 32.73
N GLY D 111 -9.62 24.08 32.45
CA GLY D 111 -10.13 25.18 31.64
C GLY D 111 -9.44 26.52 31.79
N THR D 112 -9.52 27.36 30.75
CA THR D 112 -9.09 28.75 30.91
C THR D 112 -10.10 29.66 30.24
N GLN D 113 -10.38 30.79 30.87
CA GLN D 113 -11.43 31.68 30.42
C GLN D 113 -10.93 32.68 29.38
N VAL D 114 -11.76 32.91 28.38
CA VAL D 114 -11.53 33.89 27.33
C VAL D 114 -12.80 34.74 27.25
N THR D 115 -12.64 36.05 27.39
CA THR D 115 -13.77 36.98 27.33
C THR D 115 -13.49 38.04 26.28
N VAL D 116 -14.48 38.28 25.42
CA VAL D 116 -14.42 39.29 24.38
C VAL D 116 -15.55 40.28 24.61
N SER D 117 -15.21 41.49 25.06
CA SER D 117 -16.19 42.56 25.21
C SER D 117 -15.50 43.92 25.16
#